data_6U7T
#
_entry.id   6U7T
#
_cell.length_a   37.800
_cell.length_b   86.490
_cell.length_c   140.580
_cell.angle_alpha   90.000
_cell.angle_beta   90.000
_cell.angle_gamma   90.000
#
_symmetry.space_group_name_H-M   'P 21 21 21'
#
loop_
_entity.id
_entity.type
_entity.pdbx_description
1 polymer 'Adenine DNA glycosylase'
2 polymer "DNA (5'-D(*AP*AP*GP*AP*CP*(8OG)P*TP*GP*GP*AP*C)-3')"
3 polymer "DNA (5'-D(P*GP*TP*CP*CP*AP*(NR1)P*GP*TP*CP*T)-3')"
4 non-polymer 'IRON/SULFUR CLUSTER'
5 non-polymer 'CALCIUM ION'
6 water water
#
loop_
_entity_poly.entity_id
_entity_poly.type
_entity_poly.pdbx_seq_one_letter_code
_entity_poly.pdbx_strand_id
1 'polypeptide(L)'
;MTRETERFPAREFQRDLLDWFARERRDLPWRKDRDPYKVWVSEVMLQQTRVETVIPYFEQFIDRFPTLEALADADEDEVL
KAWEGLGYYSRVRNLHAAVKEVKTRYGGKVPDDPDEFSRLKGVGPYTVGAVLSLAYGVPEPAVDGNVMRVLSRLFLVTDD
IAKPSTRKRFEQIVREIMAYENPGAFNEALIELGALVCTPRRPSCLLCPVQAYCQAFAEGVAEELPVKMKKTAVKQVPLA
VAVLADDEGRVLIRKRDSTGLLANLWEFPSCETDGADGKEKLEQMVGEQYGLQVELTEPIVSFEHAFSHLVWQLTVFPGR
LVHGGPVEEPYRLAPEDELKAYAFPVSHQRVWREYKEWASGVRPPP
;
A
2 'polydeoxyribonucleotide' (DA)(DA)(DG)(DA)(DC)(8OG)(DT)(DG)(DG)(DA)(DC) B
3 'polydeoxyribonucleotide' (DT)(DG)(DT)(DC)(DC)(DA)(NR1)(DG)(DT)(DC)(DT) C
#
loop_
_chem_comp.id
_chem_comp.type
_chem_comp.name
_chem_comp.formula
8OG DNA linking 8-OXO-2'-DEOXY-GUANOSINE-5'-MONOPHOSPHATE 'C10 H14 N5 O8 P'
CA non-polymer 'CALCIUM ION' 'Ca 2'
DA DNA linking 2'-DEOXYADENOSINE-5'-MONOPHOSPHATE 'C10 H14 N5 O6 P'
DC DNA linking 2'-DEOXYCYTIDINE-5'-MONOPHOSPHATE 'C9 H14 N3 O7 P'
DG DNA linking 2'-DEOXYGUANOSINE-5'-MONOPHOSPHATE 'C10 H14 N5 O7 P'
DT DNA linking THYMIDINE-5'-MONOPHOSPHATE 'C10 H15 N2 O8 P'
NR1 DNA linking (3R,4R)-3-hydroxy-4-[(phosphonooxy)methyl]pyrrolidinium 'C5 H13 N O5 P 1'
SF4 non-polymer 'IRON/SULFUR CLUSTER' 'Fe4 S4'
#
# COMPACT_ATOMS: atom_id res chain seq x y z
N ARG A 7 -24.18 8.29 29.06
CA ARG A 7 -23.14 9.29 28.86
C ARG A 7 -23.11 9.74 27.40
N PHE A 8 -23.43 8.82 26.50
CA PHE A 8 -23.40 9.10 25.07
C PHE A 8 -24.56 8.41 24.36
N PRO A 9 -25.44 9.18 23.69
CA PRO A 9 -26.61 8.56 23.05
C PRO A 9 -26.23 7.82 21.78
N ALA A 10 -25.85 6.56 21.89
CA ALA A 10 -25.36 5.84 20.72
C ALA A 10 -26.44 5.70 19.66
N ARG A 11 -27.64 5.27 20.06
CA ARG A 11 -28.69 4.97 19.09
C ARG A 11 -28.92 6.14 18.15
N GLU A 12 -29.07 7.35 18.69
CA GLU A 12 -29.22 8.52 17.83
C GLU A 12 -28.01 8.69 16.93
N PHE A 13 -26.81 8.65 17.52
CA PHE A 13 -25.57 8.72 16.74
C PHE A 13 -25.60 7.76 15.57
N GLN A 14 -25.94 6.49 15.84
CA GLN A 14 -25.96 5.47 14.80
C GLN A 14 -27.01 5.69 13.72
N ARG A 15 -28.04 6.49 14.00
CA ARG A 15 -29.04 6.75 12.97
C ARG A 15 -28.61 7.91 12.08
N ASP A 16 -28.07 8.98 12.67
CA ASP A 16 -27.61 10.11 11.88
C ASP A 16 -26.35 9.80 11.09
N LEU A 17 -25.61 8.76 11.48
CA LEU A 17 -24.43 8.37 10.72
C LEU A 17 -24.83 7.52 9.52
N LEU A 18 -25.56 6.43 9.77
CA LEU A 18 -25.96 5.53 8.69
C LEU A 18 -26.85 6.24 7.67
N ASP A 19 -27.71 7.16 8.12
CA ASP A 19 -28.51 7.94 7.17
C ASP A 19 -27.61 8.73 6.23
N TRP A 20 -26.75 9.58 6.79
CA TRP A 20 -25.81 10.34 5.98
C TRP A 20 -25.02 9.44 5.04
N PHE A 21 -24.64 8.25 5.52
CA PHE A 21 -23.87 7.32 4.70
C PHE A 21 -24.67 6.89 3.48
N ALA A 22 -25.84 6.28 3.70
CA ALA A 22 -26.69 5.89 2.59
C ALA A 22 -26.97 7.07 1.66
N ARG A 23 -26.92 8.30 2.19
CA ARG A 23 -27.19 9.49 1.40
C ARG A 23 -25.95 10.03 0.69
N GLU A 24 -24.75 9.82 1.24
CA GLU A 24 -23.54 10.41 0.69
C GLU A 24 -22.49 9.40 0.25
N ARG A 25 -22.73 8.10 0.40
CA ARG A 25 -21.69 7.12 0.12
C ARG A 25 -21.22 7.22 -1.33
N ARG A 26 -19.93 6.96 -1.54
CA ARG A 26 -19.37 6.95 -2.88
C ARG A 26 -19.58 5.59 -3.53
N ASP A 27 -19.82 5.60 -4.84
CA ASP A 27 -20.06 4.38 -5.60
C ASP A 27 -18.72 3.85 -6.10
N LEU A 28 -18.02 3.16 -5.20
CA LEU A 28 -16.70 2.65 -5.50
C LEU A 28 -16.78 1.23 -6.05
N PRO A 29 -15.75 0.80 -6.80
CA PRO A 29 -15.86 -0.50 -7.48
C PRO A 29 -16.02 -1.68 -6.54
N TRP A 30 -15.42 -1.63 -5.35
CA TRP A 30 -15.45 -2.75 -4.42
C TRP A 30 -16.68 -2.73 -3.51
N ARG A 31 -17.57 -1.76 -3.67
CA ARG A 31 -18.84 -1.74 -2.96
C ARG A 31 -19.99 -2.16 -3.88
N LYS A 32 -19.67 -2.69 -5.07
CA LYS A 32 -20.69 -3.28 -5.92
C LYS A 32 -21.29 -4.54 -5.29
N ASP A 33 -20.50 -5.27 -4.50
CA ASP A 33 -20.99 -6.46 -3.84
C ASP A 33 -20.28 -6.61 -2.50
N ARG A 34 -20.77 -7.54 -1.69
CA ARG A 34 -20.20 -7.86 -0.39
C ARG A 34 -19.34 -9.11 -0.42
N ASP A 35 -18.67 -9.35 -1.53
CA ASP A 35 -17.91 -10.59 -1.71
C ASP A 35 -16.64 -10.55 -0.86
N PRO A 36 -16.42 -11.53 0.02
CA PRO A 36 -15.17 -11.53 0.81
C PRO A 36 -13.91 -11.28 -0.01
N TYR A 37 -13.76 -11.95 -1.15
CA TYR A 37 -12.52 -11.86 -1.90
C TYR A 37 -12.25 -10.43 -2.37
N LYS A 38 -13.23 -9.81 -3.03
CA LYS A 38 -13.03 -8.46 -3.56
C LYS A 38 -12.87 -7.44 -2.44
N VAL A 39 -13.66 -7.57 -1.37
CA VAL A 39 -13.49 -6.71 -0.21
C VAL A 39 -12.07 -6.86 0.33
N TRP A 40 -11.59 -8.10 0.43
CA TRP A 40 -10.26 -8.36 0.97
C TRP A 40 -9.19 -7.68 0.13
N VAL A 41 -9.25 -7.86 -1.19
CA VAL A 41 -8.27 -7.23 -2.08
C VAL A 41 -8.31 -5.71 -1.92
N SER A 42 -9.52 -5.14 -1.92
CA SER A 42 -9.64 -3.68 -1.85
C SER A 42 -9.08 -3.15 -0.54
N GLU A 43 -9.25 -3.89 0.56
CA GLU A 43 -8.80 -3.41 1.86
C GLU A 43 -7.28 -3.50 2.00
N VAL A 44 -6.65 -4.44 1.31
CA VAL A 44 -5.19 -4.50 1.30
C VAL A 44 -4.62 -3.37 0.46
N MET A 45 -5.19 -3.16 -0.73
CA MET A 45 -4.75 -2.05 -1.57
C MET A 45 -4.89 -0.72 -0.86
N LEU A 46 -5.97 -0.56 -0.10
CA LEU A 46 -6.27 0.70 0.56
C LEU A 46 -5.36 0.98 1.76
N GLN A 47 -4.60 0.01 2.27
CA GLN A 47 -3.71 0.29 3.39
C GLN A 47 -2.68 1.34 2.99
N GLN A 48 -2.69 2.47 3.70
CA GLN A 48 -1.78 3.58 3.43
C GLN A 48 -1.86 4.05 1.98
N THR A 49 -3.02 3.96 1.35
CA THR A 49 -3.15 4.35 -0.04
C THR A 49 -4.53 4.96 -0.26
N ARG A 50 -4.57 6.12 -0.89
CA ARG A 50 -5.84 6.83 -1.08
C ARG A 50 -6.75 6.09 -2.04
N VAL A 51 -8.05 6.28 -1.85
CA VAL A 51 -9.06 5.60 -2.66
C VAL A 51 -8.82 5.89 -4.15
N GLU A 52 -8.66 7.16 -4.50
CA GLU A 52 -8.53 7.52 -5.91
C GLU A 52 -7.33 6.83 -6.55
N THR A 53 -6.26 6.60 -5.79
CA THR A 53 -5.11 5.88 -6.33
C THR A 53 -5.44 4.41 -6.57
N VAL A 54 -6.25 3.82 -5.70
CA VAL A 54 -6.48 2.37 -5.75
C VAL A 54 -7.44 1.98 -6.86
N ILE A 55 -8.39 2.86 -7.22
CA ILE A 55 -9.46 2.48 -8.13
C ILE A 55 -8.92 1.80 -9.39
N PRO A 56 -7.98 2.40 -10.14
CA PRO A 56 -7.49 1.70 -11.34
C PRO A 56 -6.83 0.36 -11.04
N TYR A 57 -5.99 0.31 -10.01
CA TYR A 57 -5.33 -0.96 -9.68
C TYR A 57 -6.34 -2.04 -9.34
N PHE A 58 -7.38 -1.69 -8.58
CA PHE A 58 -8.37 -2.69 -8.18
C PHE A 58 -9.03 -3.33 -9.39
N GLU A 59 -9.24 -2.56 -10.46
CA GLU A 59 -9.96 -3.08 -11.62
C GLU A 59 -9.05 -3.86 -12.54
N GLN A 60 -7.80 -3.42 -12.71
CA GLN A 60 -6.82 -4.26 -13.40
C GLN A 60 -6.61 -5.56 -12.64
N PHE A 61 -6.49 -5.47 -11.31
CA PHE A 61 -6.20 -6.65 -10.50
C PHE A 61 -7.34 -7.67 -10.56
N ILE A 62 -8.57 -7.21 -10.34
CA ILE A 62 -9.71 -8.13 -10.34
C ILE A 62 -10.02 -8.60 -11.75
N ASP A 63 -9.73 -7.79 -12.77
CA ASP A 63 -9.88 -8.26 -14.14
C ASP A 63 -8.93 -9.41 -14.42
N ARG A 64 -7.70 -9.32 -13.91
CA ARG A 64 -6.71 -10.38 -14.07
C ARG A 64 -6.88 -11.53 -13.10
N PHE A 65 -7.43 -11.28 -11.90
CA PHE A 65 -7.56 -12.30 -10.87
C PHE A 65 -8.99 -12.28 -10.33
N PRO A 66 -9.96 -12.73 -11.13
CA PRO A 66 -11.37 -12.56 -10.72
C PRO A 66 -11.74 -13.28 -9.44
N THR A 67 -11.10 -14.40 -9.13
CA THR A 67 -11.46 -15.23 -7.99
C THR A 67 -10.25 -15.39 -7.07
N LEU A 68 -10.51 -15.97 -5.90
CA LEU A 68 -9.42 -16.27 -4.97
C LEU A 68 -8.49 -17.32 -5.56
N GLU A 69 -9.03 -18.30 -6.28
CA GLU A 69 -8.19 -19.34 -6.85
C GLU A 69 -7.35 -18.82 -8.01
N ALA A 70 -7.91 -17.90 -8.82
CA ALA A 70 -7.11 -17.31 -9.89
C ALA A 70 -5.89 -16.61 -9.32
N LEU A 71 -6.06 -15.88 -8.21
CA LEU A 71 -4.93 -15.21 -7.60
C LEU A 71 -3.94 -16.22 -7.02
N ALA A 72 -4.44 -17.28 -6.38
CA ALA A 72 -3.57 -18.33 -5.86
C ALA A 72 -2.80 -19.02 -6.98
N ASP A 73 -3.47 -19.34 -8.09
CA ASP A 73 -2.84 -20.08 -9.17
C ASP A 73 -1.81 -19.28 -9.94
N ALA A 74 -1.82 -17.94 -9.83
CA ALA A 74 -0.85 -17.15 -10.57
C ALA A 74 0.53 -17.23 -9.92
N ASP A 75 1.54 -16.91 -10.72
CA ASP A 75 2.93 -16.89 -10.29
C ASP A 75 3.27 -15.52 -9.72
N GLU A 76 4.31 -15.48 -8.89
CA GLU A 76 4.72 -14.26 -8.21
C GLU A 76 4.83 -13.09 -9.17
N ASP A 77 5.49 -13.30 -10.31
CA ASP A 77 5.77 -12.19 -11.23
C ASP A 77 4.48 -11.55 -11.72
N GLU A 78 3.47 -12.36 -12.03
CA GLU A 78 2.22 -11.83 -12.57
C GLU A 78 1.46 -11.03 -11.51
N VAL A 79 1.34 -11.57 -10.29
CA VAL A 79 0.63 -10.85 -9.25
C VAL A 79 1.36 -9.57 -8.90
N LEU A 80 2.68 -9.66 -8.82
CA LEU A 80 3.50 -8.51 -8.48
C LEU A 80 3.53 -7.48 -9.60
N LYS A 81 3.49 -7.91 -10.87
CA LYS A 81 3.33 -6.96 -11.96
C LYS A 81 2.02 -6.19 -11.82
N ALA A 82 0.95 -6.91 -11.47
CA ALA A 82 -0.35 -6.27 -11.23
C ALA A 82 -0.27 -5.21 -10.14
N TRP A 83 0.69 -5.32 -9.21
CA TRP A 83 0.85 -4.37 -8.11
C TRP A 83 1.85 -3.26 -8.43
N GLU A 84 2.38 -3.22 -9.64
CA GLU A 84 3.48 -2.32 -9.96
C GLU A 84 3.06 -0.86 -9.81
N GLY A 85 3.79 -0.12 -8.97
CA GLY A 85 3.53 1.28 -8.75
C GLY A 85 2.70 1.60 -7.52
N LEU A 86 2.11 0.58 -6.90
CA LEU A 86 1.25 0.83 -5.74
C LEU A 86 2.06 1.15 -4.49
N GLY A 87 3.17 0.43 -4.27
CA GLY A 87 3.98 0.62 -3.09
C GLY A 87 3.69 -0.41 -2.01
N TYR A 88 4.55 -0.40 -0.99
CA TYR A 88 4.53 -1.38 0.10
C TYR A 88 4.23 -2.76 -0.47
N TYR A 89 5.17 -3.29 -1.26
CA TYR A 89 4.93 -4.50 -2.06
C TYR A 89 4.87 -5.77 -1.24
N SER A 90 5.24 -5.74 0.04
CA SER A 90 5.03 -6.91 0.88
C SER A 90 3.55 -7.18 1.11
N ARG A 91 2.69 -6.19 0.93
CA ARG A 91 1.25 -6.41 1.04
C ARG A 91 0.78 -7.47 0.05
N VAL A 92 1.30 -7.43 -1.17
CA VAL A 92 0.83 -8.37 -2.19
C VAL A 92 1.50 -9.72 -2.03
N ARG A 93 2.75 -9.75 -1.57
CA ARG A 93 3.38 -11.03 -1.24
C ARG A 93 2.60 -11.74 -0.13
N ASN A 94 2.15 -10.98 0.88
CA ASN A 94 1.41 -11.58 1.98
C ASN A 94 0.01 -11.98 1.54
N LEU A 95 -0.63 -11.17 0.70
CA LEU A 95 -1.96 -11.53 0.19
C LEU A 95 -1.88 -12.75 -0.71
N HIS A 96 -0.89 -12.78 -1.62
CA HIS A 96 -0.68 -13.94 -2.46
C HIS A 96 -0.55 -15.21 -1.62
N ALA A 97 0.26 -15.14 -0.56
CA ALA A 97 0.42 -16.30 0.32
C ALA A 97 -0.84 -16.56 1.13
N ALA A 98 -1.42 -15.51 1.71
CA ALA A 98 -2.65 -15.67 2.47
C ALA A 98 -3.74 -16.33 1.62
N VAL A 99 -3.75 -16.06 0.32
CA VAL A 99 -4.77 -16.64 -0.55
C VAL A 99 -4.40 -18.08 -0.92
N LYS A 100 -3.14 -18.31 -1.30
CA LYS A 100 -2.68 -19.68 -1.50
C LYS A 100 -3.02 -20.56 -0.30
N GLU A 101 -3.03 -19.96 0.90
CA GLU A 101 -3.40 -20.71 2.11
C GLU A 101 -4.88 -21.09 2.08
N VAL A 102 -5.75 -20.11 1.83
CA VAL A 102 -7.20 -20.40 1.88
C VAL A 102 -7.55 -21.49 0.89
N LYS A 103 -6.75 -21.66 -0.16
CA LYS A 103 -7.00 -22.73 -1.13
C LYS A 103 -6.46 -24.05 -0.63
N THR A 104 -5.15 -24.14 -0.45
CA THR A 104 -4.52 -25.39 -0.03
C THR A 104 -5.09 -25.87 1.30
N ARG A 105 -5.41 -24.95 2.20
CA ARG A 105 -5.89 -25.29 3.54
C ARG A 105 -7.41 -25.29 3.61
N TYR A 106 -8.04 -24.16 3.29
CA TYR A 106 -9.48 -24.00 3.44
C TYR A 106 -10.26 -24.26 2.16
N GLY A 107 -9.59 -24.61 1.06
CA GLY A 107 -10.30 -24.95 -0.15
C GLY A 107 -10.96 -23.78 -0.86
N GLY A 108 -10.58 -22.55 -0.52
CA GLY A 108 -11.02 -21.38 -1.26
C GLY A 108 -12.00 -20.48 -0.53
N LYS A 109 -12.60 -20.91 0.57
CA LYS A 109 -13.55 -20.08 1.28
C LYS A 109 -12.82 -19.25 2.34
N VAL A 110 -13.09 -17.96 2.35
CA VAL A 110 -12.46 -17.03 3.28
C VAL A 110 -13.02 -17.27 4.68
N PRO A 111 -12.17 -17.53 5.68
CA PRO A 111 -12.70 -17.69 7.05
C PRO A 111 -13.53 -16.51 7.48
N ASP A 112 -14.62 -16.80 8.19
CA ASP A 112 -15.39 -15.77 8.88
C ASP A 112 -15.04 -15.64 10.35
N ASP A 113 -14.17 -16.50 10.89
CA ASP A 113 -13.79 -16.41 12.31
C ASP A 113 -12.65 -15.41 12.48
N PRO A 114 -12.82 -14.32 13.26
CA PRO A 114 -11.75 -13.34 13.43
C PRO A 114 -10.37 -13.93 13.66
N ASP A 115 -10.25 -14.82 14.66
CA ASP A 115 -8.97 -15.43 14.96
C ASP A 115 -8.43 -16.23 13.79
N GLU A 116 -9.31 -16.95 13.08
CA GLU A 116 -8.86 -17.71 11.92
C GLU A 116 -8.45 -16.82 10.77
N PHE A 117 -9.13 -15.68 10.60
CA PHE A 117 -8.80 -14.77 9.51
C PHE A 117 -7.51 -14.01 9.79
N SER A 118 -7.26 -13.63 11.04
CA SER A 118 -6.08 -12.86 11.37
C SER A 118 -4.80 -13.68 11.22
N ARG A 119 -4.88 -15.00 11.34
CA ARG A 119 -3.68 -15.83 11.23
C ARG A 119 -3.03 -15.71 9.85
N LEU A 120 -3.74 -15.20 8.86
CA LEU A 120 -3.20 -15.08 7.52
C LEU A 120 -2.31 -13.86 7.42
N LYS A 121 -1.25 -13.97 6.61
CA LYS A 121 -0.28 -12.90 6.48
C LYS A 121 -0.92 -11.67 5.86
N GLY A 122 -0.48 -10.49 6.31
CA GLY A 122 -1.01 -9.23 5.85
C GLY A 122 -2.30 -8.79 6.53
N VAL A 123 -2.97 -9.70 7.25
CA VAL A 123 -4.24 -9.38 7.89
C VAL A 123 -3.94 -8.89 9.30
N GLY A 124 -4.03 -7.58 9.50
CA GLY A 124 -3.88 -6.99 10.82
C GLY A 124 -5.24 -6.70 11.44
N PRO A 125 -5.24 -5.94 12.53
CA PRO A 125 -6.53 -5.64 13.19
C PRO A 125 -7.53 -4.95 12.30
N TYR A 126 -7.08 -3.98 11.49
CA TYR A 126 -8.02 -3.27 10.63
C TYR A 126 -8.65 -4.20 9.60
N THR A 127 -7.82 -4.96 8.89
CA THR A 127 -8.35 -5.79 7.81
C THR A 127 -9.36 -6.81 8.33
N VAL A 128 -9.08 -7.39 9.50
CA VAL A 128 -10.03 -8.32 10.12
C VAL A 128 -11.39 -7.65 10.26
N GLY A 129 -11.39 -6.42 10.78
CA GLY A 129 -12.66 -5.72 10.96
C GLY A 129 -13.30 -5.32 9.65
N ALA A 130 -12.49 -4.87 8.68
CA ALA A 130 -13.04 -4.42 7.41
C ALA A 130 -13.67 -5.56 6.63
N VAL A 131 -12.93 -6.67 6.48
CA VAL A 131 -13.41 -7.76 5.65
C VAL A 131 -14.59 -8.47 6.31
N LEU A 132 -14.39 -8.92 7.56
CA LEU A 132 -15.41 -9.72 8.22
C LEU A 132 -16.70 -8.93 8.46
N SER A 133 -16.61 -7.67 8.88
CA SER A 133 -17.84 -6.93 9.14
C SER A 133 -18.59 -6.62 7.85
N LEU A 134 -17.89 -6.42 6.73
CA LEU A 134 -18.57 -6.11 5.47
C LEU A 134 -19.08 -7.38 4.79
N ALA A 135 -18.23 -8.40 4.67
CA ALA A 135 -18.55 -9.58 3.89
C ALA A 135 -19.32 -10.64 4.65
N TYR A 136 -19.32 -10.60 6.00
CA TYR A 136 -20.04 -11.59 6.78
C TYR A 136 -20.91 -11.04 7.91
N GLY A 137 -20.88 -9.74 8.19
CA GLY A 137 -21.65 -9.21 9.29
C GLY A 137 -21.01 -9.33 10.67
N VAL A 138 -19.82 -9.93 10.77
CA VAL A 138 -19.16 -10.07 12.08
C VAL A 138 -18.88 -8.70 12.65
N PRO A 139 -19.32 -8.39 13.89
CA PRO A 139 -19.15 -7.03 14.43
C PRO A 139 -17.75 -6.71 14.96
N GLU A 140 -16.74 -6.98 14.13
CA GLU A 140 -15.39 -6.60 14.54
C GLU A 140 -15.07 -5.17 14.10
N PRO A 141 -14.34 -4.39 14.91
CA PRO A 141 -14.05 -3.01 14.54
C PRO A 141 -12.98 -2.91 13.47
N ALA A 142 -13.10 -1.87 12.64
CA ALA A 142 -12.15 -1.58 11.56
C ALA A 142 -11.63 -0.17 11.78
N VAL A 143 -10.61 -0.07 12.62
CA VAL A 143 -10.05 1.22 13.02
C VAL A 143 -8.87 1.55 12.11
N ASP A 144 -9.05 2.53 11.23
CA ASP A 144 -8.00 3.05 10.38
C ASP A 144 -7.65 4.48 10.81
N GLY A 145 -6.86 5.16 9.99
CA GLY A 145 -6.54 6.55 10.30
C GLY A 145 -7.77 7.43 10.33
N ASN A 146 -8.74 7.15 9.44
CA ASN A 146 -9.97 7.92 9.43
C ASN A 146 -10.74 7.76 10.74
N VAL A 147 -10.95 6.51 11.16
CA VAL A 147 -11.69 6.25 12.39
C VAL A 147 -10.99 6.88 13.58
N MET A 148 -9.66 6.73 13.66
CA MET A 148 -8.92 7.29 14.79
C MET A 148 -9.05 8.81 14.83
N ARG A 149 -9.08 9.45 13.67
CA ARG A 149 -9.24 10.90 13.64
C ARG A 149 -10.65 11.29 14.05
N VAL A 150 -11.67 10.56 13.59
CA VAL A 150 -13.05 10.85 13.97
C VAL A 150 -13.24 10.65 15.46
N LEU A 151 -12.91 9.44 15.93
CA LEU A 151 -13.17 9.07 17.31
C LEU A 151 -12.41 9.97 18.28
N SER A 152 -11.20 10.39 17.91
CA SER A 152 -10.45 11.30 18.77
C SER A 152 -11.15 12.66 18.87
N ARG A 153 -11.73 13.13 17.77
CA ARG A 153 -12.44 14.41 17.80
C ARG A 153 -13.76 14.29 18.55
N LEU A 154 -14.52 13.23 18.27
CA LEU A 154 -15.81 13.07 18.94
C LEU A 154 -15.62 13.03 20.45
N PHE A 155 -14.77 12.14 20.94
CA PHE A 155 -14.59 11.90 22.36
C PHE A 155 -13.44 12.68 22.99
N LEU A 156 -12.79 13.56 22.24
CA LEU A 156 -11.68 14.36 22.77
C LEU A 156 -10.60 13.48 23.39
N VAL A 157 -10.33 12.34 22.76
CA VAL A 157 -9.20 11.51 23.16
C VAL A 157 -7.91 12.22 22.76
N THR A 158 -7.07 12.53 23.76
CA THR A 158 -5.87 13.33 23.55
C THR A 158 -4.59 12.50 23.59
N ASP A 159 -4.69 11.19 23.34
CA ASP A 159 -3.53 10.32 23.36
C ASP A 159 -2.90 10.22 21.98
N ASP A 160 -1.59 10.01 21.96
CA ASP A 160 -0.88 9.82 20.70
C ASP A 160 -1.43 8.60 19.97
N ILE A 161 -2.00 8.83 18.79
CA ILE A 161 -2.58 7.73 18.02
C ILE A 161 -1.49 6.77 17.56
N ALA A 162 -0.26 7.25 17.38
CA ALA A 162 0.81 6.39 16.91
C ALA A 162 0.99 5.18 17.83
N LYS A 163 0.83 5.38 19.13
CA LYS A 163 0.86 4.26 20.05
C LYS A 163 -0.16 3.20 19.61
N PRO A 164 0.19 1.91 19.65
CA PRO A 164 -0.84 0.89 19.43
C PRO A 164 -1.88 0.86 20.53
N SER A 165 -1.47 1.17 21.77
CA SER A 165 -2.42 1.18 22.88
C SER A 165 -3.60 2.09 22.60
N THR A 166 -3.34 3.29 22.04
CA THR A 166 -4.43 4.20 21.71
C THR A 166 -5.37 3.57 20.69
N ARG A 167 -4.81 2.88 19.69
CA ARG A 167 -5.64 2.15 18.73
C ARG A 167 -6.57 1.18 19.47
N LYS A 168 -6.04 0.49 20.48
CA LYS A 168 -6.85 -0.46 21.24
C LYS A 168 -7.93 0.24 22.05
N ARG A 169 -7.67 1.47 22.50
CA ARG A 169 -8.72 2.25 23.13
C ARG A 169 -9.83 2.58 22.14
N PHE A 170 -9.47 3.15 20.99
CA PHE A 170 -10.46 3.38 19.94
C PHE A 170 -11.25 2.13 19.63
N GLU A 171 -10.56 0.98 19.59
CA GLU A 171 -11.23 -0.27 19.27
C GLU A 171 -12.27 -0.62 20.32
N GLN A 172 -12.06 -0.23 21.57
CA GLN A 172 -13.08 -0.46 22.59
C GLN A 172 -14.20 0.56 22.51
N ILE A 173 -13.88 1.81 22.17
CA ILE A 173 -14.93 2.80 21.94
C ILE A 173 -15.87 2.31 20.86
N VAL A 174 -15.32 1.74 19.78
CA VAL A 174 -16.16 1.26 18.69
C VAL A 174 -17.11 0.19 19.20
N ARG A 175 -16.60 -0.76 19.98
CA ARG A 175 -17.47 -1.78 20.57
C ARG A 175 -18.64 -1.12 21.29
N GLU A 176 -18.40 0.00 21.96
CA GLU A 176 -19.38 0.57 22.87
C GLU A 176 -20.50 1.32 22.13
N ILE A 177 -20.17 2.04 21.05
CA ILE A 177 -21.18 2.81 20.32
C ILE A 177 -21.58 2.16 19.01
N MET A 178 -21.13 0.93 18.76
CA MET A 178 -21.42 0.33 17.45
C MET A 178 -22.91 0.13 17.25
N ALA A 179 -23.28 -0.07 16.00
CA ALA A 179 -24.59 -0.60 15.63
C ALA A 179 -24.34 -2.07 15.34
N TYR A 180 -24.59 -2.93 16.33
CA TYR A 180 -24.38 -4.37 16.15
C TYR A 180 -25.36 -4.99 15.17
N GLU A 181 -26.41 -4.24 14.83
CA GLU A 181 -27.41 -4.71 13.89
C GLU A 181 -26.80 -4.85 12.50
N ASN A 182 -25.99 -3.86 12.11
CA ASN A 182 -25.46 -3.73 10.75
C ASN A 182 -24.06 -3.16 10.84
N PRO A 183 -23.09 -3.95 11.34
CA PRO A 183 -21.77 -3.38 11.64
C PRO A 183 -21.03 -2.92 10.38
N GLY A 184 -21.02 -3.77 9.35
CA GLY A 184 -20.35 -3.40 8.10
C GLY A 184 -20.74 -2.02 7.63
N ALA A 185 -22.05 -1.71 7.63
CA ALA A 185 -22.49 -0.37 7.27
C ALA A 185 -22.00 0.65 8.28
N PHE A 186 -22.01 0.29 9.56
CA PHE A 186 -21.53 1.20 10.58
C PHE A 186 -20.05 1.51 10.40
N ASN A 187 -19.23 0.47 10.14
CA ASN A 187 -17.79 0.69 10.02
C ASN A 187 -17.46 1.53 8.79
N GLU A 188 -17.98 1.14 7.62
CA GLU A 188 -17.74 1.92 6.42
C GLU A 188 -18.18 3.38 6.59
N ALA A 189 -19.25 3.60 7.36
CA ALA A 189 -19.73 4.97 7.56
C ALA A 189 -18.73 5.80 8.35
N LEU A 190 -18.10 5.20 9.37
CA LEU A 190 -17.06 5.92 10.11
C LEU A 190 -15.88 6.24 9.21
N ILE A 191 -15.42 5.25 8.43
CA ILE A 191 -14.32 5.49 7.50
C ILE A 191 -14.72 6.56 6.49
N GLU A 192 -15.90 6.42 5.89
CA GLU A 192 -16.35 7.40 4.91
C GLU A 192 -16.50 8.78 5.53
N LEU A 193 -17.07 8.85 6.74
CA LEU A 193 -17.19 10.13 7.45
C LEU A 193 -15.83 10.81 7.54
N GLY A 194 -14.81 10.09 8.04
CA GLY A 194 -13.48 10.67 8.14
C GLY A 194 -12.91 11.05 6.79
N ALA A 195 -13.32 10.34 5.73
CA ALA A 195 -12.79 10.62 4.39
C ALA A 195 -13.42 11.87 3.79
N LEU A 196 -14.73 12.04 3.93
CA LEU A 196 -15.46 13.09 3.23
C LEU A 196 -15.73 14.31 4.11
N VAL A 197 -16.07 14.11 5.37
CA VAL A 197 -16.46 15.22 6.24
C VAL A 197 -15.35 15.59 7.22
N CYS A 198 -15.06 14.68 8.13
CA CYS A 198 -14.17 14.98 9.25
C CYS A 198 -12.72 14.79 8.81
N THR A 199 -12.28 15.71 7.98
CA THR A 199 -11.02 15.52 7.28
C THR A 199 -9.84 16.00 8.11
N PRO A 200 -8.62 15.52 7.79
CA PRO A 200 -7.44 15.92 8.57
C PRO A 200 -7.30 17.41 8.77
N ARG A 201 -7.75 18.22 7.82
CA ARG A 201 -7.56 19.67 7.88
C ARG A 201 -8.88 20.36 7.55
N ARG A 202 -9.20 21.39 8.32
CA ARG A 202 -10.41 22.18 8.12
C ARG A 202 -11.63 21.29 7.89
N PRO A 203 -11.97 20.44 8.85
CA PRO A 203 -13.14 19.56 8.66
C PRO A 203 -14.42 20.38 8.55
N SER A 204 -15.38 19.83 7.81
CA SER A 204 -16.67 20.50 7.60
C SER A 204 -17.62 20.14 8.73
N CYS A 205 -17.32 20.68 9.91
CA CYS A 205 -18.10 20.31 11.08
C CYS A 205 -19.54 20.78 10.94
N LEU A 206 -19.75 21.92 10.28
CA LEU A 206 -21.12 22.39 10.07
C LEU A 206 -21.90 21.41 9.20
N LEU A 207 -21.34 21.06 8.05
CA LEU A 207 -21.95 20.02 7.23
C LEU A 207 -22.04 18.69 7.97
N CYS A 208 -21.08 18.41 8.88
CA CYS A 208 -21.03 17.11 9.53
C CYS A 208 -22.42 16.76 10.04
N PRO A 209 -22.84 15.49 9.93
CA PRO A 209 -24.15 15.10 10.48
C PRO A 209 -24.14 14.90 11.99
N VAL A 210 -22.97 14.71 12.60
CA VAL A 210 -22.91 14.47 14.05
C VAL A 210 -22.14 15.59 14.72
N GLN A 211 -22.32 16.82 14.23
CA GLN A 211 -21.66 17.97 14.82
C GLN A 211 -22.16 18.25 16.22
N ALA A 212 -23.41 17.91 16.53
CA ALA A 212 -23.94 18.10 17.87
C ALA A 212 -23.22 17.26 18.92
N TYR A 213 -22.66 16.10 18.53
CA TYR A 213 -22.01 15.21 19.48
C TYR A 213 -20.50 15.45 19.64
N CYS A 214 -19.91 16.27 18.80
CA CYS A 214 -18.45 16.32 18.72
C CYS A 214 -17.94 17.31 19.76
N GLN A 215 -17.32 16.75 20.81
CA GLN A 215 -16.83 17.58 21.91
C GLN A 215 -15.78 18.57 21.40
N ALA A 216 -14.97 18.18 20.42
CA ALA A 216 -13.97 19.08 19.86
C ALA A 216 -14.62 20.30 19.22
N PHE A 217 -15.68 20.09 18.43
CA PHE A 217 -16.40 21.24 17.88
C PHE A 217 -16.93 22.14 18.99
N ALA A 218 -17.52 21.53 20.02
CA ALA A 218 -18.02 22.30 21.16
C ALA A 218 -16.94 23.17 21.78
N GLU A 219 -15.69 22.69 21.80
CA GLU A 219 -14.57 23.46 22.32
C GLU A 219 -13.83 24.24 21.23
N GLY A 220 -14.06 23.92 19.96
CA GLY A 220 -13.38 24.61 18.89
C GLY A 220 -11.93 24.20 18.70
N VAL A 221 -11.64 22.90 18.86
CA VAL A 221 -10.27 22.41 18.80
C VAL A 221 -10.18 21.21 17.87
N ALA A 222 -11.18 21.07 16.99
CA ALA A 222 -11.19 20.00 16.00
C ALA A 222 -9.90 19.98 15.20
N GLU A 223 -9.42 21.16 14.78
CA GLU A 223 -8.20 21.24 13.97
C GLU A 223 -6.93 20.91 14.76
N GLU A 224 -7.02 20.81 16.09
CA GLU A 224 -5.88 20.41 16.91
C GLU A 224 -5.79 18.90 17.09
N LEU A 225 -6.78 18.15 16.64
CA LEU A 225 -6.81 16.70 16.74
C LEU A 225 -6.75 16.07 15.37
N PRO A 226 -6.27 14.81 15.26
CA PRO A 226 -5.82 13.98 16.38
C PRO A 226 -4.42 14.33 16.81
N VAL A 227 -3.94 13.73 17.91
CA VAL A 227 -2.59 13.96 18.39
C VAL A 227 -1.71 12.85 17.85
N LYS A 228 -0.67 13.24 17.10
CA LYS A 228 0.27 12.29 16.52
C LYS A 228 1.63 12.97 16.45
N MET A 229 2.67 12.26 16.87
CA MET A 229 3.98 12.87 17.00
C MET A 229 4.59 13.15 15.62
N LYS A 230 5.54 14.06 15.61
CA LYS A 230 6.16 14.51 14.37
C LYS A 230 7.03 13.43 13.76
N LYS A 231 7.14 13.45 12.44
CA LYS A 231 7.81 12.38 11.72
C LYS A 231 9.32 12.40 11.97
N THR A 232 9.88 11.20 12.15
CA THR A 232 11.32 11.05 12.26
C THR A 232 11.98 11.39 10.92
N ALA A 233 13.05 12.18 10.96
CA ALA A 233 13.75 12.55 9.73
C ALA A 233 14.37 11.31 9.10
N VAL A 234 14.25 11.21 7.78
CA VAL A 234 14.71 10.03 7.06
C VAL A 234 16.15 10.21 6.63
N LYS A 235 16.79 9.09 6.30
CA LYS A 235 18.18 9.05 5.91
C LYS A 235 18.33 9.22 4.40
N GLN A 236 19.39 9.90 3.99
CA GLN A 236 19.72 10.06 2.59
C GLN A 236 20.69 8.96 2.14
N VAL A 237 20.45 8.42 0.95
CA VAL A 237 21.21 7.27 0.48
C VAL A 237 21.58 7.42 -1.00
N PRO A 238 22.83 7.83 -1.30
CA PRO A 238 23.30 7.84 -2.69
C PRO A 238 23.23 6.46 -3.31
N LEU A 239 22.68 6.37 -4.52
CA LEU A 239 22.59 5.11 -5.26
C LEU A 239 23.10 5.29 -6.67
N ALA A 240 23.88 4.32 -7.16
CA ALA A 240 24.44 4.33 -8.50
C ALA A 240 23.78 3.23 -9.32
N VAL A 241 23.29 3.59 -10.51
CA VAL A 241 22.53 2.67 -11.35
C VAL A 241 23.22 2.56 -12.71
N ALA A 242 23.20 1.36 -13.28
CA ALA A 242 23.79 1.09 -14.58
C ALA A 242 22.70 0.61 -15.54
N VAL A 243 22.66 1.21 -16.72
CA VAL A 243 21.77 0.80 -17.81
C VAL A 243 22.67 0.21 -18.89
N LEU A 244 22.73 -1.11 -18.96
CA LEU A 244 23.66 -1.82 -19.82
C LEU A 244 22.90 -2.52 -20.94
N ALA A 245 23.29 -2.22 -22.18
CA ALA A 245 22.67 -2.83 -23.35
C ALA A 245 23.76 -3.34 -24.29
N ASP A 246 23.52 -4.53 -24.86
CA ASP A 246 24.47 -5.13 -25.78
C ASP A 246 24.23 -4.57 -27.19
N ASP A 247 24.91 -5.15 -28.18
CA ASP A 247 24.76 -4.69 -29.56
C ASP A 247 23.44 -5.15 -30.19
N GLU A 248 22.73 -6.08 -29.57
CA GLU A 248 21.40 -6.49 -30.02
C GLU A 248 20.28 -5.71 -29.33
N GLY A 249 20.62 -4.67 -28.57
CA GLY A 249 19.63 -3.86 -27.90
C GLY A 249 19.09 -4.45 -26.60
N ARG A 250 19.42 -5.70 -26.29
CA ARG A 250 18.96 -6.30 -25.04
C ARG A 250 19.59 -5.60 -23.84
N VAL A 251 18.88 -5.60 -22.73
CA VAL A 251 19.30 -4.92 -21.52
C VAL A 251 19.38 -5.93 -20.39
N LEU A 252 20.31 -5.68 -19.46
CA LEU A 252 20.52 -6.53 -18.31
C LEU A 252 19.73 -6.00 -17.12
N ILE A 253 19.02 -6.90 -16.43
CA ILE A 253 18.28 -6.56 -15.23
C ILE A 253 18.43 -7.72 -14.25
N ARG A 254 18.07 -7.46 -12.99
CA ARG A 254 18.17 -8.45 -11.94
C ARG A 254 16.97 -8.34 -11.01
N LYS A 255 16.59 -9.48 -10.44
CA LYS A 255 15.47 -9.57 -9.52
C LYS A 255 15.97 -9.46 -8.10
N ARG A 256 15.54 -8.41 -7.39
CA ARG A 256 15.95 -8.24 -6.00
C ARG A 256 15.54 -9.44 -5.16
N ASP A 257 16.27 -9.66 -4.07
CA ASP A 257 15.97 -10.77 -3.19
C ASP A 257 14.60 -10.59 -2.55
N SER A 258 14.09 -11.69 -1.97
CA SER A 258 12.75 -11.71 -1.40
C SER A 258 12.69 -11.18 0.03
N THR A 259 13.76 -10.54 0.52
CA THR A 259 13.82 -10.04 1.88
C THR A 259 14.23 -8.57 1.84
N GLY A 260 13.39 -7.71 2.42
CA GLY A 260 13.75 -6.32 2.60
C GLY A 260 13.13 -5.36 1.59
N LEU A 261 13.89 -4.33 1.23
CA LEU A 261 13.39 -3.25 0.40
C LEU A 261 13.04 -3.76 -1.00
N LEU A 262 11.87 -3.37 -1.49
CA LEU A 262 11.45 -3.67 -2.86
C LEU A 262 11.68 -5.14 -3.19
N ALA A 263 11.18 -6.01 -2.32
CA ALA A 263 11.46 -7.43 -2.43
C ALA A 263 10.91 -8.02 -3.73
N ASN A 264 11.72 -8.83 -4.39
CA ASN A 264 11.34 -9.59 -5.58
C ASN A 264 10.98 -8.71 -6.78
N LEU A 265 11.24 -7.41 -6.70
CA LEU A 265 11.06 -6.53 -7.85
C LEU A 265 12.31 -6.52 -8.71
N TRP A 266 12.12 -6.29 -10.00
CA TRP A 266 13.22 -6.18 -10.94
C TRP A 266 13.82 -4.78 -10.90
N GLU A 267 15.08 -4.68 -11.31
CA GLU A 267 15.80 -3.42 -11.23
C GLU A 267 16.99 -3.46 -12.17
N PHE A 268 17.52 -2.29 -12.46
CA PHE A 268 18.78 -2.22 -13.17
C PHE A 268 19.94 -2.31 -12.17
N PRO A 269 20.99 -3.10 -12.48
CA PRO A 269 22.08 -3.27 -11.52
C PRO A 269 22.52 -1.97 -10.87
N SER A 270 22.62 -1.99 -9.55
CA SER A 270 22.96 -0.79 -8.79
C SER A 270 23.67 -1.22 -7.51
N CYS A 271 24.22 -0.21 -6.82
N CYS A 271 24.23 -0.22 -6.84
CA CYS A 271 24.94 -0.44 -5.58
CA CYS A 271 24.90 -0.45 -5.57
C CYS A 271 24.95 0.86 -4.80
C CYS A 271 24.93 0.85 -4.80
N GLU A 272 24.74 0.75 -3.49
CA GLU A 272 24.77 1.92 -2.63
C GLU A 272 26.19 2.45 -2.61
N THR A 273 26.35 3.75 -2.80
CA THR A 273 27.67 4.37 -2.80
C THR A 273 27.73 5.28 -1.58
N ASP A 274 28.57 4.92 -0.61
CA ASP A 274 28.71 5.79 0.55
C ASP A 274 29.01 7.21 0.10
N GLY A 275 29.82 7.35 -0.95
CA GLY A 275 30.17 8.66 -1.44
C GLY A 275 30.82 8.62 -2.81
N ALA A 276 32.14 8.61 -2.83
CA ALA A 276 32.89 8.74 -4.06
C ALA A 276 32.91 7.43 -4.85
N ASP A 277 33.34 7.54 -6.10
CA ASP A 277 33.60 6.40 -6.99
C ASP A 277 32.32 5.60 -7.31
N GLY A 278 31.27 6.32 -7.71
CA GLY A 278 30.06 5.64 -8.14
C GLY A 278 30.30 4.70 -9.31
N LYS A 279 30.97 5.21 -10.35
CA LYS A 279 31.24 4.37 -11.52
C LYS A 279 32.14 3.20 -11.18
N GLU A 280 33.22 3.44 -10.42
CA GLU A 280 34.13 2.34 -10.09
C GLU A 280 33.39 1.22 -9.38
N LYS A 281 32.57 1.58 -8.40
CA LYS A 281 31.85 0.58 -7.62
C LYS A 281 30.89 -0.20 -8.50
N LEU A 282 30.20 0.46 -9.42
CA LEU A 282 29.33 -0.24 -10.35
C LEU A 282 30.12 -1.18 -11.25
N GLU A 283 31.26 -0.72 -11.79
CA GLU A 283 32.07 -1.56 -12.66
C GLU A 283 32.49 -2.84 -11.95
N GLN A 284 33.10 -2.70 -10.77
CA GLN A 284 33.63 -3.87 -10.07
C GLN A 284 32.50 -4.82 -9.71
N MET A 285 31.39 -4.29 -9.22
CA MET A 285 30.31 -5.14 -8.74
C MET A 285 29.70 -5.97 -9.85
N VAL A 286 29.60 -5.41 -11.05
CA VAL A 286 29.04 -6.15 -12.17
C VAL A 286 30.04 -7.18 -12.69
N GLY A 287 31.33 -6.87 -12.64
CA GLY A 287 32.32 -7.83 -13.10
C GLY A 287 32.36 -9.10 -12.28
N GLU A 288 32.11 -8.99 -10.98
CA GLU A 288 32.19 -10.15 -10.11
C GLU A 288 31.08 -11.16 -10.42
N GLN A 289 29.84 -10.67 -10.50
CA GLN A 289 28.70 -11.55 -10.73
C GLN A 289 27.76 -10.94 -11.77
N GLU A 295 33.29 -1.10 -18.32
CA GLU A 295 32.91 -0.62 -19.64
C GLU A 295 31.88 0.50 -19.55
N LEU A 296 31.87 1.20 -18.42
CA LEU A 296 30.87 2.23 -18.17
C LEU A 296 31.30 3.58 -18.73
N THR A 297 30.33 4.48 -18.83
CA THR A 297 30.51 5.84 -19.35
C THR A 297 29.91 6.83 -18.35
N GLU A 298 30.15 8.13 -18.59
CA GLU A 298 29.75 9.17 -17.63
C GLU A 298 28.24 9.13 -17.36
N PRO A 299 27.81 9.71 -16.25
CA PRO A 299 26.38 9.74 -15.94
C PRO A 299 25.63 10.76 -16.78
N ILE A 300 24.33 10.50 -16.94
CA ILE A 300 23.49 11.32 -17.78
C ILE A 300 22.50 12.17 -16.98
N VAL A 301 22.07 11.72 -15.80
CA VAL A 301 21.12 12.48 -14.99
C VAL A 301 21.23 11.97 -13.57
N SER A 302 20.76 12.78 -12.61
CA SER A 302 20.72 12.40 -11.20
C SER A 302 19.46 12.98 -10.59
N PHE A 303 18.76 12.19 -9.78
CA PHE A 303 17.51 12.62 -9.18
C PHE A 303 17.29 11.90 -7.85
N GLU A 304 16.27 12.35 -7.13
CA GLU A 304 15.89 11.80 -5.84
C GLU A 304 14.58 11.02 -5.95
N HIS A 305 14.44 10.01 -5.10
CA HIS A 305 13.21 9.22 -5.01
C HIS A 305 12.98 8.89 -3.54
N ALA A 306 11.81 9.26 -3.03
CA ALA A 306 11.54 9.18 -1.61
C ALA A 306 10.88 7.86 -1.23
N PHE A 307 11.28 7.32 -0.08
CA PHE A 307 10.56 6.28 0.63
C PHE A 307 9.98 6.87 1.91
N SER A 308 9.28 6.04 2.69
CA SER A 308 8.78 6.51 3.97
C SER A 308 9.90 6.66 4.99
N HIS A 309 10.97 5.86 4.87
CA HIS A 309 12.02 5.84 5.87
C HIS A 309 13.40 6.18 5.32
N LEU A 310 13.52 6.52 4.04
CA LEU A 310 14.80 6.92 3.47
C LEU A 310 14.58 7.49 2.08
N VAL A 311 15.59 8.21 1.59
CA VAL A 311 15.55 8.85 0.28
C VAL A 311 16.67 8.27 -0.57
N TRP A 312 16.35 7.93 -1.82
CA TRP A 312 17.32 7.43 -2.77
C TRP A 312 17.78 8.59 -3.66
N GLN A 313 19.08 8.89 -3.61
CA GLN A 313 19.70 9.86 -4.51
C GLN A 313 20.40 9.06 -5.61
N LEU A 314 19.73 8.92 -6.75
CA LEU A 314 20.20 8.04 -7.82
C LEU A 314 21.15 8.78 -8.76
N THR A 315 21.86 7.99 -9.57
CA THR A 315 22.74 8.49 -10.61
C THR A 315 22.82 7.42 -11.67
N VAL A 316 22.48 7.76 -12.91
CA VAL A 316 22.35 6.79 -13.99
C VAL A 316 23.64 6.76 -14.80
N PHE A 317 24.16 5.55 -15.04
CA PHE A 317 25.35 5.35 -15.87
C PHE A 317 25.04 4.44 -17.06
N PRO A 318 24.93 4.99 -18.27
CA PRO A 318 24.79 4.11 -19.43
C PRO A 318 26.07 3.33 -19.66
N GLY A 319 25.91 2.18 -20.34
CA GLY A 319 27.04 1.30 -20.56
C GLY A 319 26.74 0.28 -21.64
N ARG A 320 27.81 -0.29 -22.18
CA ARG A 320 27.73 -1.35 -23.17
C ARG A 320 28.37 -2.61 -22.61
N LEU A 321 27.75 -3.75 -22.88
CA LEU A 321 28.22 -5.05 -22.40
C LEU A 321 28.45 -5.99 -23.58
N VAL A 322 29.49 -6.81 -23.46
CA VAL A 322 29.81 -7.82 -24.47
C VAL A 322 29.79 -9.18 -23.79
N HIS A 323 29.11 -10.14 -24.41
CA HIS A 323 28.89 -11.44 -23.79
C HIS A 323 30.17 -12.26 -23.80
N GLY A 324 30.81 -12.37 -22.63
CA GLY A 324 31.89 -13.31 -22.43
C GLY A 324 31.51 -14.51 -21.60
N GLY A 325 30.23 -14.67 -21.25
CA GLY A 325 29.78 -15.78 -20.45
C GLY A 325 28.26 -15.82 -20.35
N PRO A 326 27.74 -16.76 -19.58
CA PRO A 326 26.29 -16.86 -19.41
C PRO A 326 25.77 -15.87 -18.38
N VAL A 327 24.50 -15.50 -18.54
CA VAL A 327 23.82 -14.62 -17.60
C VAL A 327 23.24 -15.50 -16.50
N GLU A 328 23.85 -15.45 -15.32
CA GLU A 328 23.42 -16.27 -14.20
C GLU A 328 22.45 -15.52 -13.31
N GLU A 329 21.72 -16.26 -12.49
CA GLU A 329 20.79 -15.65 -11.55
C GLU A 329 21.56 -14.72 -10.61
N PRO A 330 20.91 -13.65 -10.10
CA PRO A 330 19.51 -13.30 -10.33
C PRO A 330 19.29 -12.53 -11.62
N TYR A 331 20.33 -12.43 -12.44
CA TYR A 331 20.28 -11.58 -13.62
C TYR A 331 19.45 -12.23 -14.73
N ARG A 332 19.10 -11.41 -15.71
CA ARG A 332 18.20 -11.81 -16.78
C ARG A 332 18.38 -10.84 -17.94
N LEU A 333 18.63 -11.37 -19.14
CA LEU A 333 18.87 -10.55 -20.32
C LEU A 333 17.54 -10.36 -21.05
N ALA A 334 17.02 -9.13 -21.03
CA ALA A 334 15.69 -8.84 -21.53
C ALA A 334 15.76 -7.87 -22.69
N PRO A 335 15.18 -8.20 -23.85
CA PRO A 335 15.08 -7.21 -24.93
C PRO A 335 14.30 -5.99 -24.48
N GLU A 336 14.57 -4.87 -25.14
CA GLU A 336 13.88 -3.63 -24.80
C GLU A 336 12.37 -3.80 -24.84
N ASP A 337 11.87 -4.57 -25.81
CA ASP A 337 10.43 -4.75 -25.97
C ASP A 337 9.82 -5.62 -24.87
N GLU A 338 10.63 -6.36 -24.13
CA GLU A 338 10.13 -7.25 -23.09
C GLU A 338 10.32 -6.70 -21.69
N LEU A 339 10.95 -5.54 -21.53
CA LEU A 339 11.05 -4.92 -20.20
C LEU A 339 9.67 -4.69 -19.60
N LYS A 340 8.72 -4.24 -20.43
CA LYS A 340 7.36 -3.98 -19.98
C LYS A 340 6.73 -5.17 -19.28
N ALA A 341 7.25 -6.38 -19.49
CA ALA A 341 6.70 -7.56 -18.83
C ALA A 341 7.21 -7.72 -17.40
N TYR A 342 8.21 -6.95 -17.00
CA TYR A 342 8.77 -7.03 -15.67
C TYR A 342 8.32 -5.84 -14.82
N ALA A 343 8.23 -6.07 -13.51
CA ALA A 343 7.67 -5.11 -12.57
C ALA A 343 8.83 -4.39 -11.88
N PHE A 344 9.09 -3.13 -12.29
CA PHE A 344 10.13 -2.32 -11.68
C PHE A 344 9.53 -1.36 -10.66
N PRO A 345 10.29 -0.96 -9.63
CA PRO A 345 9.82 0.13 -8.77
C PRO A 345 9.78 1.44 -9.54
N VAL A 346 9.09 2.42 -8.96
CA VAL A 346 8.92 3.70 -9.63
C VAL A 346 10.27 4.36 -9.87
N SER A 347 11.21 4.19 -8.93
CA SER A 347 12.53 4.80 -9.09
C SER A 347 13.19 4.34 -10.39
N HIS A 348 13.21 3.03 -10.64
CA HIS A 348 13.89 2.50 -11.81
C HIS A 348 13.03 2.56 -13.07
N GLN A 349 11.71 2.75 -12.92
CA GLN A 349 10.90 3.09 -14.09
C GLN A 349 11.32 4.43 -14.68
N ARG A 350 11.71 5.38 -13.80
CA ARG A 350 12.20 6.66 -14.27
C ARG A 350 13.64 6.55 -14.77
N VAL A 351 14.48 5.79 -14.07
CA VAL A 351 15.82 5.51 -14.58
C VAL A 351 15.76 5.18 -16.07
N TRP A 352 14.87 4.25 -16.40
CA TRP A 352 14.67 3.86 -17.79
C TRP A 352 14.23 5.02 -18.64
N ARG A 353 13.18 5.72 -18.20
CA ARG A 353 12.69 6.86 -18.97
C ARG A 353 13.79 7.88 -19.20
N GLU A 354 14.59 8.15 -18.17
CA GLU A 354 15.71 9.08 -18.33
C GLU A 354 16.71 8.59 -19.36
N TYR A 355 17.03 7.29 -19.34
CA TYR A 355 17.95 6.74 -20.33
C TYR A 355 17.39 6.84 -21.74
N LYS A 356 16.09 6.56 -21.89
CA LYS A 356 15.48 6.60 -23.21
C LYS A 356 15.43 8.02 -23.77
N GLU A 357 15.07 9.00 -22.94
CA GLU A 357 15.02 10.36 -23.49
C GLU A 357 16.41 10.92 -23.73
N TRP A 358 17.38 10.53 -22.90
CA TRP A 358 18.76 10.94 -23.15
C TRP A 358 19.24 10.44 -24.51
N ALA A 359 18.93 9.19 -24.86
CA ALA A 359 19.26 8.63 -26.17
C ALA A 359 18.18 9.01 -27.19
N SER A 360 18.13 10.30 -27.49
CA SER A 360 17.20 10.81 -28.49
C SER A 360 17.63 12.21 -28.93
P 8OG B 6 8.71 -1.67 0.20
OP1 8OG B 6 7.64 -2.45 -0.47
OP2 8OG B 6 10.08 -1.70 -0.37
O5' 8OG B 6 8.20 -0.16 0.25
C5' 8OG B 6 8.75 0.84 -0.61
C4' 8OG B 6 7.78 1.15 -1.73
O4' 8OG B 6 6.54 1.61 -1.14
C3' 8OG B 6 8.21 2.24 -2.69
O3' 8OG B 6 7.73 1.89 -4.00
C2' 8OG B 6 7.55 3.49 -2.13
C1' 8OG B 6 6.26 2.93 -1.58
N9 8OG B 6 5.73 3.57 -0.38
C8 8OG B 6 6.47 4.11 0.66
N7 8OG B 6 5.65 4.58 1.61
C5 8OG B 6 4.35 4.32 1.17
C6 8OG B 6 3.10 4.61 1.76
O6 8OG B 6 2.86 5.16 2.84
N1 8OG B 6 2.06 4.17 0.96
C2 8OG B 6 2.21 3.54 -0.25
N2 8OG B 6 1.06 3.20 -0.86
N3 8OG B 6 3.36 3.28 -0.82
C4 8OG B 6 4.40 3.70 -0.05
O8 8OG B 6 7.70 4.17 0.74
H5' 8OG B 6 9.70 0.50 -1.03
H5'' 8OG B 6 8.96 1.75 -0.04
H4' 8OG B 6 7.61 0.24 -2.31
H3' 8OG B 6 9.30 2.41 -2.70
H2' 8OG B 6 8.16 3.96 -1.36
H2'' 8OG B 6 7.37 4.23 -2.91
H1' 8OG B 6 5.53 2.98 -2.40
H7 8OG B 6 5.91 5.02 2.44
H1 8OG B 6 1.11 4.34 1.32
H21 8OG B 6 1.14 2.73 -1.78
H22 8OG B 6 0.18 3.38 -0.48
P NR1 C 7 -8.53 6.83 2.09
OP1 NR1 C 7 -8.84 7.50 0.82
OP2 NR1 C 7 -9.25 7.24 3.33
O5' NR1 C 7 -8.55 5.24 1.95
C2' NR1 C 7 -7.99 2.00 5.11
C5' NR1 C 7 -7.56 4.40 2.60
C4' NR1 C 7 -7.95 4.18 4.05
C3' NR1 C 7 -7.08 3.16 4.80
C6' NR1 C 7 -9.38 3.61 4.05
N1' NR1 C 7 -9.36 2.55 5.07
O3' NR1 C 7 -6.59 3.77 6.00
H2'' NR1 C 7 -7.76 1.58 6.10
H2' NR1 C 7 -7.86 1.20 4.39
H5' NR1 C 7 -6.58 4.90 2.57
H5'' NR1 C 7 -7.48 3.45 2.09
H4' NR1 C 7 -7.92 5.11 4.62
H3' NR1 C 7 -6.28 2.82 4.13
H6'1 NR1 C 7 -10.04 4.33 4.27
H6'2 NR1 C 7 -9.60 3.25 3.15
H1'2 NR1 C 7 -9.97 1.90 4.85
H1'1 NR1 C 7 -9.60 2.89 5.89
FE1 SF4 D . -17.89 16.21 12.60
FE2 SF4 D . -16.51 18.43 13.11
FE3 SF4 D . -15.18 15.95 12.82
FE4 SF4 D . -16.61 16.40 14.98
S1 SF4 D . -14.78 17.55 14.39
S2 SF4 D . -16.67 14.60 13.65
S3 SF4 D . -18.29 17.73 14.17
S4 SF4 D . -16.34 17.16 11.18
CA CA E . -3.11 -10.81 12.29
CA CA F . 17.47 -8.67 1.88
#